data_2W4E
#
_entry.id   2W4E
#
_cell.length_a   61.301
_cell.length_b   61.301
_cell.length_c   165.752
_cell.angle_alpha   90.00
_cell.angle_beta   90.00
_cell.angle_gamma   90.00
#
_symmetry.space_group_name_H-M   'P 43 21 2'
#
loop_
_entity.id
_entity.type
_entity.pdbx_description
1 polymer 'MUTT/NUDIX FAMILY PROTEIN'
2 water water
#
_entity_poly.entity_id   1
_entity_poly.type   'polypeptide(L)'
_entity_poly.pdbx_seq_one_letter_code
;RPRGPRAVFILPVTAQGEAVLIRQFRYPLRATITEIVAGGVEKGEDLGAAAARELLEEVGGAASEWVPLPGFYPQPSISG
VVFYPLLALGVTLGAAQLEDTETIERVVLPLAEVYRMLEAGEIQDGPSSLTLWQARGELTRRGLL
;
_entity_poly.pdbx_strand_id   A,B
#
# COMPACT_ATOMS: atom_id res chain seq x y z
N ARG A 1 19.88 11.63 18.91
CA ARG A 1 19.93 12.31 17.59
C ARG A 1 18.85 11.73 16.70
N PRO A 2 17.79 12.52 16.42
CA PRO A 2 16.61 11.92 15.80
C PRO A 2 16.78 11.50 14.32
N ARG A 3 16.70 10.20 14.12
CA ARG A 3 16.22 9.65 12.88
C ARG A 3 15.25 8.57 13.36
N GLY A 4 14.03 8.59 12.82
CA GLY A 4 13.00 7.64 13.23
C GLY A 4 13.29 6.21 12.80
N PRO A 5 12.47 5.24 13.25
CA PRO A 5 12.73 3.87 12.81
C PRO A 5 12.41 3.76 11.31
N ARG A 6 13.16 2.92 10.60
CA ARG A 6 12.97 2.74 9.17
C ARG A 6 13.07 1.26 8.82
N ALA A 7 12.33 0.81 7.81
CA ALA A 7 12.54 -0.52 7.26
C ALA A 7 12.56 -0.36 5.75
N VAL A 8 13.24 -1.29 5.09
N VAL A 8 13.26 -1.27 5.08
CA VAL A 8 13.34 -1.30 3.64
CA VAL A 8 13.33 -1.30 3.63
C VAL A 8 12.54 -2.48 3.08
C VAL A 8 12.50 -2.46 3.11
N PHE A 9 11.84 -2.26 1.97
CA PHE A 9 11.07 -3.34 1.34
C PHE A 9 11.63 -3.44 -0.06
N ILE A 10 11.86 -4.65 -0.50
CA ILE A 10 12.49 -4.92 -1.78
C ILE A 10 11.68 -5.87 -2.61
N LEU A 11 11.26 -5.41 -3.76
CA LEU A 11 10.68 -6.31 -4.75
C LEU A 11 11.81 -6.81 -5.69
N PRO A 12 12.24 -8.07 -5.54
CA PRO A 12 13.39 -8.54 -6.32
C PRO A 12 12.89 -9.21 -7.61
N VAL A 13 13.44 -8.82 -8.76
CA VAL A 13 13.01 -9.37 -10.05
C VAL A 13 14.23 -9.90 -10.80
N THR A 14 14.13 -11.13 -11.30
CA THR A 14 15.26 -11.75 -12.04
C THR A 14 15.33 -11.23 -13.50
N ALA A 15 16.46 -11.52 -14.17
CA ALA A 15 16.61 -11.27 -15.61
C ALA A 15 15.48 -11.88 -16.42
N GLN A 16 14.94 -12.99 -15.94
CA GLN A 16 13.81 -13.67 -16.60
C GLN A 16 12.44 -13.06 -16.27
N GLY A 17 12.36 -12.00 -15.50
CA GLY A 17 11.04 -11.41 -15.18
C GLY A 17 10.22 -12.24 -14.20
N GLU A 18 10.90 -12.85 -13.22
CA GLU A 18 10.22 -13.50 -12.11
C GLU A 18 10.41 -12.68 -10.85
N ALA A 19 9.36 -12.61 -10.04
CA ALA A 19 9.49 -11.98 -8.73
C ALA A 19 10.00 -13.00 -7.74
N VAL A 20 10.87 -12.58 -6.84
CA VAL A 20 11.32 -13.44 -5.77
C VAL A 20 10.58 -13.08 -4.48
N LEU A 21 9.54 -13.85 -4.17
CA LEU A 21 8.74 -13.64 -2.95
C LEU A 21 9.14 -14.58 -1.84
N ILE A 22 8.61 -14.33 -0.64
CA ILE A 22 8.75 -15.25 0.47
C ILE A 22 7.38 -15.57 1.10
N ARG A 23 7.28 -16.74 1.72
CA ARG A 23 6.12 -17.07 2.58
C ARG A 23 6.74 -17.14 3.94
N GLN A 24 6.30 -16.23 4.78
CA GLN A 24 6.86 -16.08 6.09
C GLN A 24 5.76 -16.29 7.13
N PHE A 25 6.04 -17.13 8.13
CA PHE A 25 5.12 -17.28 9.27
C PHE A 25 4.98 -15.94 9.98
N ARG A 26 3.76 -15.54 10.27
CA ARG A 26 3.51 -14.36 11.05
C ARG A 26 2.66 -14.67 12.26
N TYR A 27 3.21 -14.40 13.44
CA TYR A 27 2.51 -14.73 14.67
C TYR A 27 1.10 -14.14 14.81
N PRO A 28 0.89 -12.88 14.37
CA PRO A 28 -0.49 -12.46 14.54
C PRO A 28 -1.50 -13.22 13.69
N LEU A 29 -1.02 -13.95 12.67
CA LEU A 29 -1.91 -14.77 11.84
C LEU A 29 -1.95 -16.25 12.28
N ARG A 30 -0.95 -16.68 13.06
CA ARG A 30 -0.57 -18.12 13.24
C ARG A 30 -0.53 -18.83 11.91
N ALA A 31 -0.05 -18.14 10.90
CA ALA A 31 0.00 -18.71 9.54
C ALA A 31 1.05 -17.97 8.77
N THR A 32 1.42 -18.52 7.63
CA THR A 32 2.35 -17.85 6.71
C THR A 32 1.56 -16.91 5.78
N ILE A 33 2.28 -15.99 5.17
CA ILE A 33 1.68 -15.06 4.23
C ILE A 33 2.73 -14.67 3.20
N THR A 34 2.29 -14.49 1.95
CA THR A 34 3.14 -14.12 0.81
C THR A 34 3.55 -12.64 0.95
N GLU A 35 4.86 -12.43 0.97
CA GLU A 35 5.44 -11.10 1.12
C GLU A 35 6.60 -10.90 0.15
N ILE A 36 6.94 -9.64 -0.10
CA ILE A 36 8.28 -9.33 -0.69
C ILE A 36 9.35 -9.32 0.42
N VAL A 37 10.61 -9.09 0.07
CA VAL A 37 11.72 -9.07 1.03
C VAL A 37 11.63 -7.81 1.86
N ALA A 38 11.94 -7.89 3.15
CA ALA A 38 11.91 -6.70 3.99
C ALA A 38 12.67 -6.90 5.29
N GLY A 39 13.08 -5.80 5.91
CA GLY A 39 13.76 -5.83 7.20
C GLY A 39 14.07 -4.42 7.70
N GLY A 40 14.34 -4.31 9.00
CA GLY A 40 14.65 -3.00 9.59
C GLY A 40 15.99 -2.50 9.10
N VAL A 41 16.15 -1.17 9.02
CA VAL A 41 17.42 -0.55 8.65
C VAL A 41 18.21 -0.36 9.95
N GLU A 42 19.45 -0.85 9.98
CA GLU A 42 20.33 -0.76 11.17
C GLU A 42 20.83 0.66 11.46
N LYS A 43 21.37 0.85 12.67
CA LYS A 43 21.80 2.17 13.22
C LYS A 43 22.60 3.01 12.26
N GLY A 44 23.74 2.47 11.84
CA GLY A 44 24.67 3.20 11.01
C GLY A 44 24.51 2.77 9.58
N GLU A 45 23.28 2.44 9.18
CA GLU A 45 23.06 1.88 7.86
C GLU A 45 22.38 2.83 6.92
N ASP A 46 22.95 2.95 5.73
CA ASP A 46 22.34 3.66 4.65
C ASP A 46 21.24 2.79 4.01
N LEU A 47 20.26 3.42 3.35
CA LEU A 47 19.10 2.70 2.81
C LEU A 47 19.53 1.68 1.76
N GLY A 48 20.41 2.12 0.85
CA GLY A 48 20.99 1.28 -0.21
C GLY A 48 21.63 0.04 0.37
N ALA A 49 22.36 0.22 1.47
CA ALA A 49 23.12 -0.86 2.11
C ALA A 49 22.25 -1.83 2.89
N ALA A 50 21.25 -1.30 3.62
CA ALA A 50 20.27 -2.16 4.27
C ALA A 50 19.56 -3.06 3.23
N ALA A 51 19.20 -2.45 2.10
CA ALA A 51 18.48 -3.18 1.02
C ALA A 51 19.27 -4.38 0.48
N ALA A 52 20.54 -4.19 0.12
CA ALA A 52 21.39 -5.30 -0.35
C ALA A 52 21.58 -6.39 0.72
N ARG A 53 21.81 -5.97 1.96
CA ARG A 53 21.98 -6.88 3.07
C ARG A 53 20.76 -7.80 3.24
N GLU A 54 19.58 -7.19 3.25
CA GLU A 54 18.33 -7.89 3.41
C GLU A 54 18.06 -8.87 2.27
N LEU A 55 18.29 -8.38 1.05
CA LEU A 55 18.15 -9.24 -0.14
C LEU A 55 19.09 -10.46 -0.05
N LEU A 56 20.33 -10.22 0.33
CA LEU A 56 21.28 -11.31 0.55
C LEU A 56 20.83 -12.29 1.67
N GLU A 57 20.54 -11.75 2.86
CA GLU A 57 20.19 -12.55 4.02
C GLU A 57 18.86 -13.31 3.89
N GLU A 58 17.84 -12.69 3.31
CA GLU A 58 16.52 -13.32 3.28
C GLU A 58 16.34 -14.33 2.16
N VAL A 59 16.88 -14.07 0.97
CA VAL A 59 16.63 -14.96 -0.17
C VAL A 59 17.89 -15.38 -0.91
N GLY A 60 19.03 -14.94 -0.41
CA GLY A 60 20.35 -15.24 -1.00
C GLY A 60 20.48 -14.55 -2.34
N GLY A 61 20.01 -13.31 -2.42
CA GLY A 61 19.90 -12.64 -3.72
C GLY A 61 20.91 -11.52 -3.84
N ALA A 62 21.29 -11.16 -5.07
CA ALA A 62 22.02 -9.91 -5.35
C ALA A 62 21.40 -9.26 -6.59
N ALA A 63 21.44 -7.95 -6.69
CA ALA A 63 20.74 -7.25 -7.77
C ALA A 63 21.73 -6.51 -8.68
N SER A 64 21.43 -6.44 -9.97
CA SER A 64 22.23 -5.66 -10.92
C SER A 64 21.92 -4.19 -10.87
N GLU A 65 20.66 -3.85 -10.57
CA GLU A 65 20.17 -2.44 -10.59
C GLU A 65 19.10 -2.23 -9.49
N TRP A 66 19.10 -1.04 -8.89
CA TRP A 66 18.15 -0.68 -7.82
C TRP A 66 17.35 0.55 -8.25
N VAL A 67 16.04 0.51 -8.10
CA VAL A 67 15.18 1.65 -8.45
C VAL A 67 14.38 2.02 -7.18
N PRO A 68 14.67 3.19 -6.56
CA PRO A 68 13.93 3.56 -5.35
C PRO A 68 12.51 3.95 -5.68
N LEU A 69 11.58 3.64 -4.80
CA LEU A 69 10.15 3.97 -5.04
C LEU A 69 9.66 4.82 -3.88
N PRO A 70 8.46 5.44 -3.99
CA PRO A 70 8.08 6.38 -2.90
C PRO A 70 7.93 5.76 -1.48
N GLY A 71 8.65 6.30 -0.50
CA GLY A 71 8.46 5.92 0.91
C GLY A 71 7.04 6.14 1.44
N PHE A 72 6.63 5.38 2.45
CA PHE A 72 5.26 5.53 3.03
C PHE A 72 5.22 5.14 4.50
N TYR A 73 4.23 5.66 5.23
CA TYR A 73 3.93 5.21 6.59
C TYR A 73 2.88 4.09 6.54
N PRO A 74 3.22 2.91 7.05
CA PRO A 74 2.26 1.80 6.99
C PRO A 74 1.07 1.99 7.94
N GLN A 75 1.26 2.74 9.02
CA GLN A 75 0.21 2.92 10.02
C GLN A 75 0.39 4.25 10.76
N PRO A 76 0.14 5.37 10.05
CA PRO A 76 0.50 6.68 10.62
C PRO A 76 -0.40 7.10 11.80
N SER A 77 -1.45 6.34 12.07
CA SER A 77 -2.36 6.66 13.17
C SER A 77 -1.71 6.25 14.48
N ILE A 78 -0.98 5.12 14.47
CA ILE A 78 -0.32 4.61 15.69
C ILE A 78 1.21 4.59 15.69
N SER A 79 1.83 4.82 14.54
CA SER A 79 3.29 4.64 14.51
C SER A 79 3.98 5.64 13.58
N GLY A 80 5.14 6.14 13.99
CA GLY A 80 5.94 6.97 13.09
C GLY A 80 6.90 6.25 12.12
N VAL A 81 6.86 4.90 12.08
CA VAL A 81 7.79 4.13 11.22
C VAL A 81 7.55 4.47 9.74
N VAL A 82 8.65 4.59 8.97
CA VAL A 82 8.59 4.77 7.52
C VAL A 82 9.13 3.52 6.83
N PHE A 83 8.41 3.09 5.81
CA PHE A 83 8.79 1.97 4.95
C PHE A 83 9.29 2.55 3.65
N TYR A 84 10.50 2.16 3.25
CA TYR A 84 11.09 2.58 1.99
C TYR A 84 11.12 1.45 0.97
N PRO A 85 10.28 1.53 -0.06
CA PRO A 85 10.27 0.43 -1.04
C PRO A 85 11.31 0.61 -2.15
N LEU A 86 11.96 -0.49 -2.56
CA LEU A 86 12.81 -0.47 -3.76
C LEU A 86 12.49 -1.63 -4.71
N LEU A 87 12.59 -1.33 -6.00
CA LEU A 87 12.60 -2.38 -7.02
C LEU A 87 14.05 -2.82 -7.33
N ALA A 88 14.34 -4.11 -7.13
CA ALA A 88 15.66 -4.67 -7.48
C ALA A 88 15.55 -5.50 -8.79
N LEU A 89 16.41 -5.19 -9.77
CA LEU A 89 16.35 -5.87 -11.08
C LEU A 89 17.58 -6.72 -11.30
N GLY A 90 17.52 -7.60 -12.29
CA GLY A 90 18.69 -8.44 -12.59
C GLY A 90 19.12 -9.32 -11.43
N VAL A 91 18.16 -9.76 -10.61
CA VAL A 91 18.48 -10.50 -9.39
C VAL A 91 18.91 -11.96 -9.67
N THR A 92 20.03 -12.34 -9.07
CA THR A 92 20.53 -13.72 -9.13
C THR A 92 20.36 -14.35 -7.75
N LEU A 93 20.19 -15.67 -7.68
CA LEU A 93 19.89 -16.39 -6.43
C LEU A 93 20.74 -17.64 -6.25
N GLY A 94 21.51 -17.70 -5.17
CA GLY A 94 22.42 -18.83 -4.90
C GLY A 94 21.80 -19.87 -3.99
N THR A 103 10.31 -20.96 9.00
CA THR A 103 10.08 -19.52 9.16
C THR A 103 9.83 -18.86 7.79
N ILE A 104 10.85 -18.92 6.92
CA ILE A 104 10.82 -18.34 5.58
C ILE A 104 10.93 -19.42 4.50
N GLU A 105 10.11 -19.32 3.46
CA GLU A 105 10.23 -20.14 2.27
C GLU A 105 10.26 -19.24 1.03
N ARG A 106 11.29 -19.40 0.24
CA ARG A 106 11.40 -18.65 -1.00
C ARG A 106 10.48 -19.17 -2.10
N VAL A 107 9.84 -18.23 -2.80
CA VAL A 107 8.83 -18.55 -3.78
C VAL A 107 9.10 -17.69 -5.02
N VAL A 108 9.55 -18.30 -6.10
CA VAL A 108 9.82 -17.56 -7.35
C VAL A 108 8.67 -17.74 -8.37
N LEU A 109 8.00 -16.66 -8.73
CA LEU A 109 6.87 -16.72 -9.66
C LEU A 109 7.03 -15.76 -10.81
N PRO A 110 6.56 -16.15 -12.02
CA PRO A 110 6.49 -15.18 -13.10
C PRO A 110 5.72 -13.92 -12.69
N LEU A 111 6.18 -12.75 -13.15
CA LEU A 111 5.57 -11.49 -12.78
C LEU A 111 4.08 -11.40 -13.20
N ALA A 112 3.70 -12.03 -14.31
CA ALA A 112 2.30 -11.97 -14.78
C ALA A 112 1.34 -12.59 -13.75
N GLU A 113 1.79 -13.68 -13.15
CA GLU A 113 1.08 -14.37 -12.10
C GLU A 113 1.03 -13.56 -10.80
N VAL A 114 2.14 -12.95 -10.42
CA VAL A 114 2.15 -12.04 -9.27
C VAL A 114 1.13 -10.89 -9.41
N TYR A 115 1.09 -10.27 -10.58
CA TYR A 115 0.14 -9.17 -10.79
C TYR A 115 -1.31 -9.65 -10.95
N ARG A 116 -1.48 -10.90 -11.42
CA ARG A 116 -2.83 -11.48 -11.42
C ARG A 116 -3.26 -11.64 -9.96
N MET A 117 -2.40 -12.20 -9.12
CA MET A 117 -2.66 -12.29 -7.68
C MET A 117 -3.00 -10.92 -7.07
N LEU A 118 -2.17 -9.92 -7.34
CA LEU A 118 -2.36 -8.55 -6.83
C LEU A 118 -3.79 -8.02 -7.18
N GLU A 119 -4.20 -8.15 -8.43
CA GLU A 119 -5.45 -7.57 -8.90
C GLU A 119 -6.63 -8.31 -8.29
N ALA A 120 -6.47 -9.63 -8.10
CA ALA A 120 -7.50 -10.46 -7.51
C ALA A 120 -7.67 -10.26 -6.00
N GLY A 121 -6.77 -9.53 -5.36
CA GLY A 121 -6.85 -9.46 -3.89
C GLY A 121 -6.14 -10.55 -3.11
N GLU A 122 -5.43 -11.43 -3.81
CA GLU A 122 -4.80 -12.60 -3.14
C GLU A 122 -3.52 -12.24 -2.36
N ILE A 123 -2.96 -11.07 -2.60
CA ILE A 123 -1.83 -10.55 -1.82
C ILE A 123 -2.39 -9.63 -0.70
N GLN A 124 -2.60 -10.19 0.48
CA GLN A 124 -3.25 -9.46 1.56
C GLN A 124 -2.24 -8.64 2.34
N ASP A 125 -0.93 -8.86 2.14
CA ASP A 125 0.09 -8.03 2.83
C ASP A 125 0.07 -6.62 2.26
N GLY A 126 -0.34 -5.64 3.06
CA GLY A 126 -0.44 -4.25 2.55
C GLY A 126 0.87 -3.64 2.02
N PRO A 127 1.95 -3.65 2.82
CA PRO A 127 3.24 -3.07 2.36
C PRO A 127 3.76 -3.73 1.06
N SER A 128 3.63 -5.05 0.96
CA SER A 128 3.99 -5.75 -0.28
C SER A 128 3.10 -5.37 -1.42
N SER A 129 1.79 -5.28 -1.18
CA SER A 129 0.87 -4.91 -2.29
C SER A 129 1.19 -3.50 -2.76
N LEU A 130 1.44 -2.57 -1.84
CA LEU A 130 1.62 -1.19 -2.26
C LEU A 130 2.91 -1.11 -3.09
N THR A 131 3.94 -1.85 -2.70
CA THR A 131 5.22 -1.81 -3.42
C THR A 131 5.02 -2.32 -4.85
N LEU A 132 4.22 -3.39 -4.97
CA LEU A 132 3.93 -4.00 -6.30
C LEU A 132 3.21 -3.01 -7.19
N TRP A 133 2.22 -2.32 -6.64
CA TRP A 133 1.56 -1.30 -7.40
C TRP A 133 2.56 -0.22 -7.82
N GLN A 134 3.36 0.28 -6.89
CA GLN A 134 4.28 1.39 -7.24
C GLN A 134 5.33 0.97 -8.26
N ALA A 135 5.74 -0.31 -8.28
CA ALA A 135 6.75 -0.78 -9.24
C ALA A 135 6.20 -1.07 -10.65
N ARG A 136 4.88 -1.11 -10.78
CA ARG A 136 4.23 -1.68 -11.98
C ARG A 136 4.55 -0.89 -13.25
N GLY A 137 4.53 0.44 -13.15
CA GLY A 137 4.85 1.32 -14.31
C GLY A 137 6.26 1.03 -14.83
N GLU A 138 7.23 1.06 -13.93
CA GLU A 138 8.62 0.66 -14.25
C GLU A 138 8.74 -0.72 -14.94
N LEU A 139 8.09 -1.75 -14.40
CA LEU A 139 8.24 -3.09 -14.99
C LEU A 139 7.61 -3.19 -16.38
N THR A 140 6.53 -2.46 -16.58
CA THR A 140 5.82 -2.45 -17.87
C THR A 140 6.67 -1.74 -18.92
N ARG A 141 7.22 -0.59 -18.55
CA ARG A 141 8.11 0.16 -19.42
C ARG A 141 9.32 -0.63 -19.91
N ARG A 142 9.90 -1.42 -19.01
CA ARG A 142 11.04 -2.28 -19.37
C ARG A 142 10.64 -3.57 -20.12
N GLY A 143 9.33 -3.80 -20.27
CA GLY A 143 8.80 -5.03 -20.89
C GLY A 143 8.97 -6.27 -20.05
N LEU A 144 9.21 -6.12 -18.74
CA LEU A 144 9.33 -7.29 -17.85
C LEU A 144 7.95 -7.82 -17.45
N LEU A 145 6.99 -6.90 -17.42
CA LEU A 145 5.58 -7.20 -17.22
C LEU A 145 4.79 -6.86 -18.48
N PRO B 5 -10.62 -4.65 15.67
CA PRO B 5 -9.72 -5.30 14.72
C PRO B 5 -10.13 -5.14 13.24
N ARG B 6 -11.15 -4.33 12.94
CA ARG B 6 -11.44 -3.97 11.52
C ARG B 6 -11.55 -2.47 11.33
N ALA B 7 -11.05 -1.99 10.20
CA ALA B 7 -11.30 -0.61 9.83
C ALA B 7 -11.74 -0.57 8.38
N VAL B 8 -12.40 0.52 8.03
CA VAL B 8 -12.96 0.72 6.73
C VAL B 8 -12.29 1.95 6.12
N PHE B 9 -11.81 1.84 4.89
CA PHE B 9 -11.24 2.96 4.17
C PHE B 9 -12.14 3.28 2.99
N ILE B 10 -12.43 4.56 2.78
CA ILE B 10 -13.32 5.00 1.70
C ILE B 10 -12.67 6.03 0.83
N LEU B 11 -12.58 5.74 -0.47
CA LEU B 11 -12.24 6.73 -1.49
C LEU B 11 -13.51 7.34 -2.08
N PRO B 12 -13.82 8.61 -1.72
CA PRO B 12 -15.06 9.25 -2.21
C PRO B 12 -14.84 10.02 -3.50
N VAL B 13 -15.61 9.69 -4.54
CA VAL B 13 -15.44 10.33 -5.85
C VAL B 13 -16.80 10.97 -6.29
N THR B 14 -16.75 12.20 -6.79
CA THR B 14 -18.02 12.88 -7.16
C THR B 14 -18.37 12.55 -8.60
N ALA B 15 -19.60 12.88 -9.02
CA ALA B 15 -20.03 12.59 -10.41
C ALA B 15 -19.19 13.37 -11.40
N GLN B 16 -18.55 14.42 -10.92
CA GLN B 16 -17.65 15.25 -11.74
C GLN B 16 -16.25 14.65 -11.87
N GLY B 17 -16.00 13.51 -11.23
CA GLY B 17 -14.67 12.88 -11.27
C GLY B 17 -13.69 13.63 -10.41
N GLU B 18 -14.15 14.08 -9.25
CA GLU B 18 -13.26 14.67 -8.24
C GLU B 18 -13.23 13.76 -7.02
N ALA B 19 -12.08 13.65 -6.37
CA ALA B 19 -12.05 12.89 -5.14
C ALA B 19 -12.09 13.84 -3.97
N VAL B 20 -12.68 13.37 -2.88
CA VAL B 20 -12.78 14.13 -1.65
C VAL B 20 -11.78 13.53 -0.66
N LEU B 21 -10.70 14.25 -0.41
CA LEU B 21 -9.63 13.78 0.47
C LEU B 21 -9.63 14.60 1.76
N ILE B 22 -8.99 14.08 2.81
CA ILE B 22 -8.82 14.85 4.04
C ILE B 22 -7.37 15.25 4.37
N ARG B 23 -7.25 16.32 5.14
CA ARG B 23 -6.00 16.73 5.75
C ARG B 23 -6.16 16.47 7.23
N GLN B 24 -5.33 15.61 7.79
CA GLN B 24 -5.51 15.24 9.17
C GLN B 24 -4.21 15.24 9.92
N PHE B 25 -4.26 15.73 11.16
CA PHE B 25 -3.10 15.69 12.03
C PHE B 25 -2.95 14.30 12.60
N ARG B 26 -1.74 13.77 12.43
CA ARG B 26 -1.38 12.44 12.91
C ARG B 26 -0.29 12.59 13.95
N TYR B 27 -0.65 12.36 15.21
CA TYR B 27 0.24 12.66 16.34
C TYR B 27 1.59 11.89 16.25
N PRO B 28 1.59 10.63 15.77
CA PRO B 28 2.90 9.99 15.70
C PRO B 28 3.83 10.63 14.68
N LEU B 29 3.29 11.47 13.79
CA LEU B 29 4.05 12.07 12.71
C LEU B 29 4.41 13.55 12.96
N ARG B 30 3.74 14.14 13.95
CA ARG B 30 3.83 15.58 14.24
C ARG B 30 3.59 16.42 13.00
N ALA B 31 2.86 15.83 12.04
CA ALA B 31 2.48 16.47 10.78
C ALA B 31 1.01 16.19 10.46
N THR B 32 0.40 17.06 9.66
CA THR B 32 -0.91 16.82 9.09
C THR B 32 -0.61 16.28 7.70
N ILE B 33 -1.32 15.23 7.27
CA ILE B 33 -1.02 14.61 5.98
C ILE B 33 -2.29 14.38 5.16
N THR B 34 -2.15 14.19 3.85
CA THR B 34 -3.32 13.92 3.00
C THR B 34 -3.76 12.44 3.09
N GLU B 35 -5.02 12.21 3.45
CA GLU B 35 -5.58 10.86 3.52
C GLU B 35 -6.94 10.75 2.80
N ILE B 36 -7.39 9.53 2.61
CA ILE B 36 -8.79 9.33 2.27
C ILE B 36 -9.54 9.10 3.56
N VAL B 37 -10.85 8.91 3.46
CA VAL B 37 -11.72 8.72 4.63
C VAL B 37 -11.50 7.35 5.22
N ALA B 38 -11.35 7.28 6.54
CA ALA B 38 -11.14 6.00 7.18
C ALA B 38 -11.66 6.04 8.59
N GLY B 39 -12.22 4.95 9.07
CA GLY B 39 -12.59 4.87 10.47
C GLY B 39 -12.80 3.44 10.90
N GLY B 40 -12.83 3.22 12.21
CA GLY B 40 -12.96 1.87 12.79
C GLY B 40 -14.38 1.35 12.70
N VAL B 41 -14.55 0.05 12.63
CA VAL B 41 -15.87 -0.54 12.45
C VAL B 41 -16.40 -0.94 13.83
N GLU B 42 -17.58 -0.45 14.21
CA GLU B 42 -18.18 -0.74 15.53
C GLU B 42 -18.74 -2.16 15.65
N LYS B 43 -19.08 -2.54 16.89
CA LYS B 43 -19.46 -3.93 17.25
C LYS B 43 -20.58 -4.54 16.41
N GLY B 44 -21.74 -3.88 16.39
CA GLY B 44 -22.93 -4.40 15.66
C GLY B 44 -23.06 -3.85 14.24
N GLU B 45 -21.93 -3.58 13.60
CA GLU B 45 -21.87 -2.94 12.29
C GLU B 45 -21.30 -3.90 11.27
N ASP B 46 -21.86 -3.93 10.07
CA ASP B 46 -21.20 -4.55 8.93
C ASP B 46 -20.47 -3.50 8.11
N LEU B 47 -19.65 -3.93 7.15
CA LEU B 47 -18.69 -3.04 6.50
C LEU B 47 -19.38 -1.91 5.72
N GLY B 48 -20.36 -2.24 4.87
CA GLY B 48 -21.13 -1.24 4.14
C GLY B 48 -21.71 -0.12 5.00
N ALA B 49 -22.31 -0.50 6.12
CA ALA B 49 -22.90 0.44 7.08
C ALA B 49 -21.86 1.41 7.66
N ALA B 50 -20.77 0.81 8.15
CA ALA B 50 -19.67 1.58 8.73
C ALA B 50 -19.08 2.57 7.74
N ALA B 51 -18.95 2.15 6.47
CA ALA B 51 -18.36 2.99 5.44
C ALA B 51 -19.22 4.23 5.20
N ALA B 52 -20.54 4.02 5.12
CA ALA B 52 -21.50 5.09 4.87
C ALA B 52 -21.53 6.03 6.08
N ARG B 53 -21.61 5.48 7.29
CA ARG B 53 -21.50 6.31 8.49
C ARG B 53 -20.24 7.18 8.51
N GLU B 54 -19.09 6.55 8.26
CA GLU B 54 -17.79 7.20 8.37
C GLU B 54 -17.66 8.29 7.31
N LEU B 55 -18.23 8.02 6.12
CA LEU B 55 -18.23 9.02 5.03
C LEU B 55 -19.01 10.28 5.44
N LEU B 56 -20.12 10.05 6.14
CA LEU B 56 -21.01 11.14 6.53
C LEU B 56 -20.31 11.97 7.62
N GLU B 57 -19.86 11.28 8.67
CA GLU B 57 -19.17 11.92 9.80
C GLU B 57 -17.90 12.68 9.42
N GLU B 58 -17.08 12.12 8.54
CA GLU B 58 -15.79 12.74 8.31
C GLU B 58 -15.79 13.88 7.31
N VAL B 59 -16.48 13.73 6.17
CA VAL B 59 -16.50 14.78 5.15
C VAL B 59 -17.90 15.31 4.77
N GLY B 60 -18.94 14.83 5.45
CA GLY B 60 -20.31 15.25 5.16
C GLY B 60 -20.76 14.68 3.82
N GLY B 61 -20.44 13.41 3.57
CA GLY B 61 -20.64 12.89 2.23
C GLY B 61 -21.68 11.80 2.21
N ALA B 62 -22.26 11.63 1.03
CA ALA B 62 -23.24 10.57 0.80
C ALA B 62 -23.01 10.08 -0.63
N ALA B 63 -23.05 8.76 -0.81
CA ALA B 63 -22.67 8.14 -2.07
C ALA B 63 -23.87 7.50 -2.76
N SER B 64 -23.94 7.60 -4.09
CA SER B 64 -25.00 6.88 -4.80
C SER B 64 -24.66 5.42 -5.07
N GLU B 65 -23.36 5.10 -5.12
CA GLU B 65 -22.91 3.74 -5.46
C GLU B 65 -21.58 3.35 -4.79
N TRP B 66 -21.45 2.06 -4.48
CA TRP B 66 -20.27 1.53 -3.77
C TRP B 66 -19.65 0.38 -4.54
N VAL B 67 -18.31 0.33 -4.58
CA VAL B 67 -17.57 -0.76 -5.19
C VAL B 67 -16.54 -1.24 -4.16
N PRO B 68 -16.76 -2.43 -3.59
CA PRO B 68 -15.83 -2.84 -2.55
C PRO B 68 -14.48 -3.19 -3.17
N LEU B 69 -13.41 -3.04 -2.40
CA LEU B 69 -12.07 -3.41 -2.89
C LEU B 69 -11.40 -4.44 -1.94
N PRO B 70 -10.27 -5.03 -2.36
CA PRO B 70 -9.76 -6.16 -1.55
C PRO B 70 -9.18 -5.76 -0.18
N GLY B 71 -9.55 -6.48 0.88
CA GLY B 71 -9.04 -6.28 2.25
C GLY B 71 -7.53 -6.57 2.32
N PHE B 72 -6.84 -5.95 3.28
CA PHE B 72 -5.42 -6.14 3.43
C PHE B 72 -5.02 -5.92 4.89
N TYR B 73 -3.96 -6.61 5.30
CA TYR B 73 -3.28 -6.36 6.60
C TYR B 73 -2.30 -5.20 6.45
N PRO B 74 -2.50 -4.10 7.22
CA PRO B 74 -1.51 -3.01 7.08
C PRO B 74 -0.13 -3.42 7.59
N GLN B 75 -0.10 -4.27 8.59
CA GLN B 75 1.17 -4.63 9.19
C GLN B 75 1.13 -5.99 9.85
N PRO B 76 1.07 -7.08 9.03
CA PRO B 76 0.88 -8.41 9.66
C PRO B 76 2.05 -8.94 10.52
N SER B 77 3.23 -8.33 10.41
CA SER B 77 4.35 -8.74 11.26
C SER B 77 4.03 -8.49 12.72
N ILE B 78 3.13 -7.51 12.96
CA ILE B 78 2.93 -6.86 14.25
C ILE B 78 1.46 -6.91 14.74
N SER B 79 0.53 -6.97 13.80
CA SER B 79 -0.88 -6.83 14.11
C SER B 79 -1.72 -7.72 13.22
N GLY B 80 -2.80 -8.25 13.76
CA GLY B 80 -3.78 -8.98 12.99
C GLY B 80 -4.91 -8.14 12.45
N VAL B 81 -4.88 -6.80 12.65
CA VAL B 81 -5.92 -5.87 12.13
C VAL B 81 -6.01 -5.94 10.60
N VAL B 82 -7.23 -5.81 10.08
CA VAL B 82 -7.51 -5.81 8.65
C VAL B 82 -8.18 -4.50 8.30
N PHE B 83 -7.70 -3.91 7.22
CA PHE B 83 -8.29 -2.75 6.62
C PHE B 83 -9.11 -3.13 5.35
N TYR B 84 -10.36 -2.67 5.29
CA TYR B 84 -11.30 -2.94 4.16
C TYR B 84 -11.63 -1.65 3.41
N PRO B 85 -11.10 -1.51 2.18
CA PRO B 85 -11.31 -0.35 1.33
C PRO B 85 -12.54 -0.47 0.43
N LEU B 86 -13.15 0.67 0.14
CA LEU B 86 -14.28 0.77 -0.74
C LEU B 86 -14.20 2.05 -1.53
N LEU B 87 -14.60 1.97 -2.79
CA LEU B 87 -14.70 3.14 -3.60
C LEU B 87 -16.14 3.65 -3.46
N ALA B 88 -16.30 4.94 -3.15
CA ALA B 88 -17.65 5.53 -3.16
C ALA B 88 -17.86 6.47 -4.34
N LEU B 89 -18.95 6.23 -5.07
CA LEU B 89 -19.20 6.94 -6.33
C LEU B 89 -20.45 7.82 -6.28
N GLY B 90 -20.49 8.84 -7.14
CA GLY B 90 -21.56 9.83 -7.12
C GLY B 90 -21.68 10.45 -5.73
N VAL B 91 -20.55 10.82 -5.14
CA VAL B 91 -20.56 11.34 -3.77
C VAL B 91 -20.99 12.80 -3.80
N THR B 92 -21.90 13.16 -2.90
CA THR B 92 -22.27 14.57 -2.70
C THR B 92 -22.01 15.00 -1.27
N LEU B 93 -21.59 16.27 -1.13
CA LEU B 93 -21.21 16.84 0.15
C LEU B 93 -22.23 17.88 0.64
N ILE B 104 -9.52 18.01 10.38
CA ILE B 104 -10.59 17.49 9.53
C ILE B 104 -10.89 18.46 8.36
N GLU B 105 -9.84 18.98 7.76
CA GLU B 105 -9.96 19.79 6.56
C GLU B 105 -10.27 18.89 5.35
N ARG B 106 -11.41 19.14 4.72
CA ARG B 106 -11.86 18.42 3.55
C ARG B 106 -11.26 19.12 2.35
N VAL B 107 -10.82 18.35 1.35
CA VAL B 107 -10.18 18.90 0.16
C VAL B 107 -10.76 18.21 -1.07
N VAL B 108 -11.14 18.97 -2.10
CA VAL B 108 -11.70 18.36 -3.30
C VAL B 108 -10.79 18.62 -4.51
N LEU B 109 -10.38 17.55 -5.20
CA LEU B 109 -9.44 17.68 -6.32
C LEU B 109 -9.89 16.85 -7.50
N PRO B 110 -9.53 17.27 -8.73
CA PRO B 110 -9.77 16.41 -9.88
C PRO B 110 -8.93 15.13 -9.78
N LEU B 111 -9.57 14.00 -10.07
CA LEU B 111 -8.89 12.70 -10.03
C LEU B 111 -7.53 12.74 -10.68
N ALA B 112 -7.43 13.37 -11.84
CA ALA B 112 -6.15 13.45 -12.54
C ALA B 112 -5.03 14.03 -11.64
N GLU B 113 -5.37 15.01 -10.79
CA GLU B 113 -4.40 15.60 -9.86
C GLU B 113 -4.10 14.67 -8.68
N VAL B 114 -5.11 13.93 -8.25
CA VAL B 114 -4.97 13.02 -7.13
C VAL B 114 -4.05 11.87 -7.54
N TYR B 115 -4.21 11.39 -8.77
CA TYR B 115 -3.36 10.30 -9.24
C TYR B 115 -1.96 10.78 -9.61
N ARG B 116 -1.82 12.04 -10.00
CA ARG B 116 -0.47 12.64 -10.06
C ARG B 116 0.22 12.61 -8.65
N MET B 117 -0.56 12.95 -7.62
CA MET B 117 -0.05 13.03 -6.23
C MET B 117 0.37 11.64 -5.72
N LEU B 118 -0.49 10.67 -6.01
CA LEU B 118 -0.23 9.25 -5.74
C LEU B 118 1.10 8.83 -6.34
N GLU B 119 1.23 8.95 -7.66
CA GLU B 119 2.46 8.60 -8.34
C GLU B 119 3.70 9.37 -7.91
N ALA B 120 3.55 10.63 -7.52
CA ALA B 120 4.68 11.43 -7.10
C ALA B 120 5.20 11.07 -5.71
N GLY B 121 4.35 10.41 -4.91
CA GLY B 121 4.71 10.08 -3.54
C GLY B 121 4.18 11.04 -2.51
N GLU B 122 3.27 11.92 -2.94
CA GLU B 122 2.72 12.99 -2.11
C GLU B 122 1.64 12.48 -1.17
N ILE B 123 1.10 11.31 -1.44
CA ILE B 123 0.22 10.67 -0.47
C ILE B 123 1.06 9.71 0.39
N GLN B 124 1.32 10.11 1.63
CA GLN B 124 2.30 9.42 2.44
C GLN B 124 1.72 8.27 3.26
N ASP B 125 0.41 8.26 3.38
CA ASP B 125 -0.27 7.29 4.19
C ASP B 125 -0.38 6.04 3.30
N GLY B 126 0.28 4.95 3.70
CA GLY B 126 0.29 3.70 2.90
C GLY B 126 -1.12 3.12 2.62
N PRO B 127 -1.95 3.00 3.66
CA PRO B 127 -3.33 2.51 3.46
C PRO B 127 -4.16 3.30 2.49
N SER B 128 -4.17 4.63 2.59
CA SER B 128 -4.80 5.46 1.56
C SER B 128 -4.24 5.23 0.14
N SER B 129 -2.90 5.15 0.03
CA SER B 129 -2.30 4.97 -1.27
C SER B 129 -2.73 3.68 -1.89
N LEU B 130 -2.64 2.59 -1.12
CA LEU B 130 -3.04 1.28 -1.61
C LEU B 130 -4.48 1.36 -2.10
N THR B 131 -5.34 2.03 -1.30
CA THR B 131 -6.75 2.16 -1.70
C THR B 131 -6.84 2.81 -3.06
N LEU B 132 -6.16 3.94 -3.23
CA LEU B 132 -6.11 4.63 -4.52
C LEU B 132 -5.64 3.70 -5.66
N TRP B 133 -4.53 2.97 -5.45
CA TRP B 133 -4.08 2.03 -6.48
C TRP B 133 -5.16 0.97 -6.82
N GLN B 134 -5.73 0.37 -5.77
CA GLN B 134 -6.77 -0.64 -5.99
C GLN B 134 -8.00 -0.19 -6.74
N ALA B 135 -8.31 1.11 -6.67
CA ALA B 135 -9.52 1.65 -7.27
C ALA B 135 -9.31 2.17 -8.67
N ARG B 136 -8.06 2.21 -9.14
CA ARG B 136 -7.71 2.92 -10.34
C ARG B 136 -8.33 2.27 -11.59
N GLY B 137 -8.38 0.93 -11.61
CA GLY B 137 -8.93 0.24 -12.80
C GLY B 137 -10.39 0.58 -13.00
N GLU B 138 -11.12 0.62 -11.89
CA GLU B 138 -12.56 0.91 -11.86
C GLU B 138 -12.86 2.33 -12.34
N LEU B 139 -12.04 3.28 -11.92
CA LEU B 139 -12.18 4.69 -12.30
C LEU B 139 -11.88 4.92 -13.78
N THR B 140 -10.86 4.20 -14.25
CA THR B 140 -10.51 4.15 -15.67
C THR B 140 -11.61 3.49 -16.55
N ARG B 141 -12.01 2.28 -16.17
CA ARG B 141 -13.16 1.57 -16.70
C ARG B 141 -14.35 2.55 -16.85
N ARG B 142 -14.64 3.30 -15.81
CA ARG B 142 -15.77 4.23 -15.84
C ARG B 142 -15.51 5.57 -16.53
N GLY B 143 -14.28 5.81 -16.93
CA GLY B 143 -13.95 7.04 -17.64
C GLY B 143 -13.86 8.26 -16.76
N LEU B 144 -13.97 8.09 -15.44
CA LEU B 144 -13.74 9.17 -14.48
C LEU B 144 -12.27 9.55 -14.43
N LEU B 145 -11.42 8.61 -14.83
CA LEU B 145 -9.98 8.80 -14.87
C LEU B 145 -9.42 8.26 -16.19
#